data_6ZLD
#
_entry.id   6ZLD
#
_cell.length_a   42.364
_cell.length_b   58.446
_cell.length_c   64.734
_cell.angle_alpha   96.800
_cell.angle_beta   98.360
_cell.angle_gamma   110.620
#
_symmetry.space_group_name_H-M   'P 1'
#
loop_
_entity.id
_entity.type
_entity.pdbx_description
1 polymer 'Epimerase domain-containing protein'
2 non-polymer NICOTINAMIDE-ADENINE-DINUCLEOTIDE
3 non-polymer "URIDINE-5'-DIPHOSPHATE-GLUCURONIC ACID"
4 water water
#
_entity_poly.entity_id   1
_entity_poly.type   'polypeptide(L)'
_entity_poly.pdbx_seq_one_letter_code
;MKILVTGAAGFIGSHLCQALLKNSAYHVVGIDHFIGPTPATLKTGNIQSLELNSRFQFIREDILNTDLSKLLQDIDVVYH
LAAIPGVRTSWGKDFQPYVTNNIMVTQQLLEACKHIKLDKFIHISTSSVYGEKSGAVSEDLLPIPLSPYGVTKLSGEHLC
HVYHKNFHIPIVILRYFTVYGPRQRPDMAFHRLIKQMLEDKPLTIFGDGTQTRDFTYIDDCIRGTVAALETKKNIIGEVI
NIGGKEQASILDIISMLEKISGKSATKNFLKSVPGEPKQTWADISKASTLLQYSPTVSLSDGLEAEYDYIKQLYKGDAAW
SHPQFEK
;
_entity_poly.pdbx_strand_id   A,B
#
# COMPACT_ATOMS: atom_id res chain seq x y z
N MET A 1 -29.29 -8.41 -6.95
CA MET A 1 -28.23 -8.66 -5.94
C MET A 1 -27.33 -7.43 -5.89
N LYS A 2 -26.34 -7.39 -4.97
CA LYS A 2 -25.20 -6.44 -5.04
C LYS A 2 -23.98 -7.21 -5.58
N ILE A 3 -23.34 -6.67 -6.62
CA ILE A 3 -22.22 -7.33 -7.35
C ILE A 3 -20.98 -6.45 -7.15
N LEU A 4 -19.91 -6.97 -6.55
CA LEU A 4 -18.62 -6.23 -6.49
C LEU A 4 -17.82 -6.56 -7.76
N VAL A 5 -17.39 -5.52 -8.48
CA VAL A 5 -16.46 -5.65 -9.64
C VAL A 5 -15.14 -5.00 -9.26
N THR A 6 -14.11 -5.79 -9.01
CA THR A 6 -12.75 -5.23 -8.80
C THR A 6 -12.17 -4.89 -10.19
N GLY A 7 -11.38 -3.81 -10.25
CA GLY A 7 -10.80 -3.35 -11.51
C GLY A 7 -11.86 -2.76 -12.43
N ALA A 8 -12.89 -2.15 -11.83
CA ALA A 8 -14.13 -1.65 -12.48
C ALA A 8 -13.86 -0.51 -13.46
N ALA A 9 -12.74 0.22 -13.34
CA ALA A 9 -12.47 1.37 -14.22
C ALA A 9 -11.62 0.92 -15.41
N GLY A 10 -11.20 -0.34 -15.44
CA GLY A 10 -10.32 -0.82 -16.52
C GLY A 10 -11.10 -1.11 -17.79
N PHE A 11 -10.39 -1.65 -18.77
CA PHE A 11 -10.91 -2.03 -20.11
C PHE A 11 -12.14 -2.92 -19.95
N ILE A 12 -11.90 -4.11 -19.38
CA ILE A 12 -12.97 -5.14 -19.37
C ILE A 12 -13.96 -4.82 -18.25
N GLY A 13 -13.46 -4.42 -17.08
CA GLY A 13 -14.29 -4.14 -15.91
C GLY A 13 -15.32 -3.05 -16.20
N SER A 14 -14.91 -1.97 -16.87
CA SER A 14 -15.80 -0.84 -17.23
C SER A 14 -16.96 -1.38 -18.08
N HIS A 15 -16.67 -2.18 -19.11
CA HIS A 15 -17.70 -2.82 -19.97
C HIS A 15 -18.58 -3.75 -19.14
N LEU A 16 -18.00 -4.52 -18.24
CA LEU A 16 -18.79 -5.51 -17.48
C LEU A 16 -19.79 -4.75 -16.60
N CYS A 17 -19.36 -3.69 -15.92
CA CYS A 17 -20.24 -2.87 -15.07
C CYS A 17 -21.41 -2.35 -15.91
N GLN A 18 -21.13 -1.82 -17.09
CA GLN A 18 -22.16 -1.23 -17.98
C GLN A 18 -23.18 -2.32 -18.33
N ALA A 19 -22.73 -3.53 -18.65
CA ALA A 19 -23.62 -4.66 -19.03
C ALA A 19 -24.51 -5.03 -17.84
N LEU A 20 -23.95 -5.18 -16.64
CA LEU A 20 -24.71 -5.57 -15.43
C LEU A 20 -25.77 -4.50 -15.14
N LEU A 21 -25.46 -3.23 -15.40
CA LEU A 21 -26.39 -2.11 -15.02
C LEU A 21 -27.59 -2.05 -15.99
N LYS A 22 -27.59 -2.78 -17.10
CA LYS A 22 -28.76 -2.92 -18.01
C LYS A 22 -29.89 -3.72 -17.34
N ASN A 23 -29.56 -4.57 -16.38
CA ASN A 23 -30.55 -5.32 -15.55
C ASN A 23 -30.88 -4.48 -14.30
N SER A 24 -32.08 -3.91 -14.24
CA SER A 24 -32.56 -3.02 -13.15
C SER A 24 -32.52 -3.72 -11.78
N ALA A 25 -32.47 -5.05 -11.74
CA ALA A 25 -32.41 -5.85 -10.48
C ALA A 25 -30.97 -5.93 -9.93
N TYR A 26 -29.96 -5.47 -10.68
CA TYR A 26 -28.54 -5.47 -10.25
C TYR A 26 -28.13 -4.09 -9.73
N HIS A 27 -27.44 -4.10 -8.58
CA HIS A 27 -26.67 -2.96 -8.04
C HIS A 27 -25.20 -3.34 -8.09
N VAL A 28 -24.35 -2.43 -8.58
CA VAL A 28 -22.90 -2.68 -8.78
C VAL A 28 -22.06 -1.77 -7.90
N VAL A 29 -21.12 -2.39 -7.19
CA VAL A 29 -20.01 -1.68 -6.50
C VAL A 29 -18.74 -1.92 -7.31
N GLY A 30 -18.09 -0.86 -7.80
CA GLY A 30 -16.83 -0.89 -8.58
C GLY A 30 -15.71 -0.36 -7.73
N ILE A 31 -14.61 -1.11 -7.61
CA ILE A 31 -13.39 -0.64 -6.92
C ILE A 31 -12.22 -0.64 -7.91
N ASP A 32 -11.50 0.46 -7.95
CA ASP A 32 -10.36 0.61 -8.89
C ASP A 32 -9.39 1.63 -8.32
N HIS A 33 -8.13 1.26 -8.23
CA HIS A 33 -7.03 2.09 -7.68
C HIS A 33 -6.37 2.94 -8.77
N PHE A 34 -6.82 2.84 -10.04
CA PHE A 34 -6.26 3.55 -11.23
C PHE A 34 -4.74 3.33 -11.36
N ILE A 35 -4.29 2.08 -11.39
CA ILE A 35 -2.87 1.70 -11.60
C ILE A 35 -2.74 0.80 -12.85
N GLY A 36 -1.53 0.37 -13.17
CA GLY A 36 -1.28 -0.48 -14.34
C GLY A 36 -0.95 0.39 -15.54
N PRO A 37 -1.02 -0.20 -16.74
CA PRO A 37 -0.57 0.45 -17.96
C PRO A 37 -1.47 1.56 -18.53
N THR A 38 -2.72 1.66 -18.15
CA THR A 38 -3.64 2.68 -18.74
C THR A 38 -3.56 3.98 -17.92
N PRO A 39 -3.27 5.13 -18.54
CA PRO A 39 -3.32 6.41 -17.83
C PRO A 39 -4.69 6.71 -17.23
N ALA A 40 -4.65 7.37 -16.07
CA ALA A 40 -5.86 7.69 -15.28
C ALA A 40 -6.87 8.45 -16.15
N THR A 41 -6.41 9.26 -17.11
CA THR A 41 -7.34 10.03 -17.99
C THR A 41 -8.28 9.07 -18.73
N LEU A 42 -7.71 8.00 -19.30
CA LEU A 42 -8.50 7.00 -20.06
C LEU A 42 -9.47 6.31 -19.12
N LYS A 43 -9.04 5.99 -17.90
CA LYS A 43 -9.88 5.31 -16.90
C LYS A 43 -11.05 6.21 -16.48
N THR A 44 -10.81 7.52 -16.33
CA THR A 44 -11.94 8.45 -16.00
C THR A 44 -12.98 8.34 -17.13
N GLY A 45 -12.55 8.34 -18.41
CA GLY A 45 -13.40 8.16 -19.59
C GLY A 45 -14.20 6.85 -19.55
N ASN A 46 -13.55 5.77 -19.10
CA ASN A 46 -14.19 4.43 -19.03
C ASN A 46 -15.40 4.46 -18.07
N ILE A 47 -15.36 5.24 -16.98
CA ILE A 47 -16.41 5.17 -15.91
C ILE A 47 -17.28 6.44 -15.88
N GLN A 48 -17.08 7.41 -16.76
CA GLN A 48 -17.78 8.71 -16.56
C GLN A 48 -19.30 8.44 -16.57
N SER A 49 -19.78 7.69 -17.56
CA SER A 49 -21.20 7.26 -17.72
C SER A 49 -21.65 6.47 -16.49
N LEU A 50 -20.91 5.41 -16.13
CA LEU A 50 -21.20 4.50 -15.00
C LEU A 50 -21.54 5.32 -13.76
N GLU A 51 -20.72 6.33 -13.44
CA GLU A 51 -20.89 7.16 -12.21
C GLU A 51 -22.21 7.93 -12.21
N LEU A 52 -22.80 8.25 -13.37
CA LEU A 52 -24.15 8.88 -13.43
C LEU A 52 -25.25 7.88 -13.03
N ASN A 53 -25.05 6.57 -13.20
CA ASN A 53 -26.06 5.54 -12.85
C ASN A 53 -26.21 5.46 -11.34
N SER A 54 -27.44 5.51 -10.82
CA SER A 54 -27.72 5.57 -9.37
C SER A 54 -27.47 4.21 -8.72
N ARG A 55 -27.47 3.13 -9.52
CA ARG A 55 -27.26 1.74 -9.05
C ARG A 55 -25.77 1.33 -9.13
N PHE A 56 -24.87 2.25 -9.41
CA PHE A 56 -23.41 2.06 -9.39
C PHE A 56 -22.78 2.87 -8.27
N GLN A 57 -21.94 2.24 -7.44
CA GLN A 57 -21.09 2.91 -6.43
C GLN A 57 -19.62 2.72 -6.83
N PHE A 58 -18.88 3.82 -6.98
CA PHE A 58 -17.46 3.76 -7.39
C PHE A 58 -16.57 4.02 -6.15
N ILE A 59 -15.61 3.15 -5.91
CA ILE A 59 -14.60 3.31 -4.81
C ILE A 59 -13.22 3.37 -5.45
N ARG A 60 -12.49 4.46 -5.28
CA ARG A 60 -11.14 4.64 -5.85
C ARG A 60 -10.16 4.42 -4.72
N GLU A 61 -9.87 3.17 -4.44
CA GLU A 61 -8.98 2.75 -3.35
C GLU A 61 -8.23 1.50 -3.80
N ASP A 62 -7.10 1.25 -3.14
CA ASP A 62 -6.30 0.00 -3.28
C ASP A 62 -7.03 -1.08 -2.50
N ILE A 63 -7.38 -2.19 -3.17
CA ILE A 63 -7.94 -3.38 -2.47
C ILE A 63 -7.05 -3.76 -1.26
N LEU A 64 -5.74 -3.53 -1.30
CA LEU A 64 -4.83 -3.93 -0.21
C LEU A 64 -4.91 -2.93 0.97
N ASN A 65 -5.54 -1.78 0.81
CA ASN A 65 -5.68 -0.79 1.92
C ASN A 65 -7.14 -0.64 2.35
N THR A 66 -8.07 -1.11 1.55
CA THR A 66 -9.49 -0.82 1.80
C THR A 66 -9.98 -1.73 2.93
N ASP A 67 -11.02 -1.27 3.61
CA ASP A 67 -11.76 -2.04 4.63
C ASP A 67 -12.57 -3.09 3.87
N LEU A 68 -12.09 -4.33 3.83
CA LEU A 68 -12.68 -5.37 2.94
C LEU A 68 -13.97 -5.88 3.58
N SER A 69 -14.09 -5.82 4.93
CA SER A 69 -15.35 -5.96 5.69
C SER A 69 -16.44 -5.02 5.14
N LYS A 70 -16.16 -3.72 5.08
CA LYS A 70 -17.13 -2.73 4.53
C LYS A 70 -17.42 -3.09 3.05
N LEU A 71 -16.37 -3.37 2.29
CA LEU A 71 -16.49 -3.55 0.83
C LEU A 71 -17.41 -4.73 0.54
N LEU A 72 -17.29 -5.85 1.26
CA LEU A 72 -17.98 -7.14 0.90
C LEU A 72 -19.30 -7.30 1.64
N GLN A 73 -19.69 -6.28 2.44
CA GLN A 73 -20.95 -6.25 3.21
C GLN A 73 -22.16 -6.31 2.27
N ASP A 74 -22.90 -7.39 2.39
CA ASP A 74 -24.15 -7.65 1.62
C ASP A 74 -23.80 -7.87 0.14
N ILE A 75 -22.54 -8.22 -0.19
CA ILE A 75 -22.22 -8.55 -1.61
C ILE A 75 -22.69 -9.99 -1.85
N ASP A 76 -23.39 -10.19 -2.96
CA ASP A 76 -23.91 -11.51 -3.39
C ASP A 76 -22.91 -12.16 -4.36
N VAL A 77 -22.34 -11.36 -5.27
CA VAL A 77 -21.38 -11.84 -6.31
C VAL A 77 -20.15 -10.92 -6.40
N VAL A 78 -18.99 -11.53 -6.49
CA VAL A 78 -17.70 -10.87 -6.77
C VAL A 78 -17.29 -11.27 -8.19
N TYR A 79 -17.02 -10.25 -9.01
CA TYR A 79 -16.23 -10.34 -10.25
C TYR A 79 -14.85 -9.75 -9.95
N HIS A 80 -13.82 -10.59 -9.86
CA HIS A 80 -12.46 -10.14 -9.54
C HIS A 80 -11.66 -10.03 -10.85
N LEU A 81 -11.57 -8.81 -11.36
CA LEU A 81 -10.78 -8.47 -12.59
C LEU A 81 -9.56 -7.63 -12.23
N ALA A 82 -9.49 -7.03 -11.04
CA ALA A 82 -8.32 -6.21 -10.69
C ALA A 82 -7.05 -7.05 -10.84
N ALA A 83 -6.08 -6.48 -11.55
CA ALA A 83 -4.75 -7.11 -11.79
C ALA A 83 -3.85 -6.08 -12.45
N ILE A 84 -2.55 -6.40 -12.52
CA ILE A 84 -1.55 -5.75 -13.40
C ILE A 84 -1.39 -6.74 -14.55
N PRO A 85 -1.84 -6.35 -15.77
CA PRO A 85 -2.01 -7.31 -16.86
C PRO A 85 -1.02 -7.44 -18.02
N GLY A 86 0.06 -6.68 -18.06
CA GLY A 86 0.93 -6.67 -19.26
C GLY A 86 1.84 -7.89 -19.33
N VAL A 87 1.81 -8.61 -20.45
CA VAL A 87 2.65 -9.82 -20.60
C VAL A 87 4.12 -9.44 -20.65
N ARG A 88 4.46 -8.32 -21.29
CA ARG A 88 5.84 -8.07 -21.77
C ARG A 88 6.64 -7.27 -20.73
N THR A 89 6.01 -6.68 -19.72
CA THR A 89 6.66 -5.71 -18.80
C THR A 89 6.69 -6.24 -17.37
N SER A 90 6.92 -7.55 -17.17
CA SER A 90 6.85 -8.19 -15.84
C SER A 90 8.22 -8.69 -15.34
N TRP A 91 9.32 -8.22 -15.92
CA TRP A 91 10.72 -8.66 -15.63
C TRP A 91 11.40 -7.74 -14.61
N GLY A 92 12.45 -8.25 -13.97
CA GLY A 92 13.29 -7.48 -13.04
C GLY A 92 12.49 -6.73 -11.99
N LYS A 93 12.74 -5.43 -11.87
CA LYS A 93 12.12 -4.60 -10.81
C LYS A 93 10.62 -4.36 -11.10
N ASP A 94 10.17 -4.64 -12.31
CA ASP A 94 8.75 -4.46 -12.70
C ASP A 94 7.91 -5.64 -12.20
N PHE A 95 8.53 -6.71 -11.65
CA PHE A 95 7.79 -7.91 -11.18
C PHE A 95 6.96 -7.62 -9.92
N GLN A 96 7.51 -6.86 -8.97
CA GLN A 96 6.91 -6.69 -7.61
C GLN A 96 5.44 -6.29 -7.71
N PRO A 97 5.02 -5.27 -8.48
CA PRO A 97 3.60 -4.91 -8.56
C PRO A 97 2.68 -6.04 -9.09
N TYR A 98 3.21 -6.94 -9.92
CA TYR A 98 2.46 -8.15 -10.37
C TYR A 98 2.18 -9.03 -9.15
N VAL A 99 3.21 -9.25 -8.33
CA VAL A 99 3.06 -10.12 -7.15
C VAL A 99 2.08 -9.46 -6.19
N THR A 100 2.27 -8.19 -5.87
CA THR A 100 1.37 -7.44 -4.95
C THR A 100 -0.08 -7.46 -5.45
N ASN A 101 -0.30 -7.10 -6.71
CA ASN A 101 -1.68 -6.83 -7.22
C ASN A 101 -2.35 -8.08 -7.78
N ASN A 102 -1.60 -9.11 -8.17
CA ASN A 102 -2.17 -10.36 -8.74
C ASN A 102 -2.26 -11.42 -7.64
N ILE A 103 -1.25 -11.52 -6.76
CA ILE A 103 -1.23 -12.63 -5.75
C ILE A 103 -1.77 -12.10 -4.42
N MET A 104 -1.16 -11.08 -3.83
CA MET A 104 -1.57 -10.61 -2.48
C MET A 104 -3.03 -10.14 -2.53
N VAL A 105 -3.42 -9.37 -3.54
CA VAL A 105 -4.82 -8.86 -3.67
C VAL A 105 -5.79 -10.03 -3.72
N THR A 106 -5.51 -11.06 -4.52
CA THR A 106 -6.44 -12.21 -4.66
C THR A 106 -6.60 -12.86 -3.29
N GLN A 107 -5.47 -13.15 -2.62
CA GLN A 107 -5.48 -13.79 -1.29
C GLN A 107 -6.29 -12.94 -0.31
N GLN A 108 -6.10 -11.64 -0.27
CA GLN A 108 -6.77 -10.80 0.75
C GLN A 108 -8.29 -10.76 0.46
N LEU A 109 -8.70 -10.73 -0.80
CA LEU A 109 -10.13 -10.81 -1.18
C LEU A 109 -10.68 -12.16 -0.71
N LEU A 110 -9.98 -13.26 -0.99
CA LEU A 110 -10.48 -14.62 -0.68
C LEU A 110 -10.62 -14.79 0.84
N GLU A 111 -9.68 -14.21 1.61
CA GLU A 111 -9.72 -14.24 3.09
C GLU A 111 -10.99 -13.51 3.53
N ALA A 112 -11.25 -12.32 2.98
CA ALA A 112 -12.43 -11.49 3.33
C ALA A 112 -13.74 -12.23 3.01
N CYS A 113 -13.76 -13.10 2.00
CA CYS A 113 -14.99 -13.78 1.53
C CYS A 113 -15.30 -15.01 2.38
N LYS A 114 -14.41 -15.43 3.28
CA LYS A 114 -14.64 -16.59 4.20
C LYS A 114 -15.83 -16.34 5.12
N HIS A 115 -16.00 -15.11 5.61
CA HIS A 115 -17.00 -14.79 6.66
C HIS A 115 -18.25 -14.13 6.03
N ILE A 116 -18.57 -14.45 4.77
CA ILE A 116 -19.80 -13.92 4.11
C ILE A 116 -20.33 -14.99 3.15
N LYS A 117 -21.57 -14.84 2.69
CA LYS A 117 -22.34 -15.90 1.99
C LYS A 117 -22.49 -15.51 0.51
N LEU A 118 -21.41 -15.55 -0.27
CA LEU A 118 -21.45 -15.26 -1.72
C LEU A 118 -22.24 -16.35 -2.44
N ASP A 119 -22.96 -15.96 -3.50
CA ASP A 119 -23.46 -16.90 -4.53
C ASP A 119 -22.26 -17.41 -5.36
N LYS A 120 -21.45 -16.50 -5.88
CA LYS A 120 -20.27 -16.85 -6.71
C LYS A 120 -19.16 -15.82 -6.47
N PHE A 121 -17.94 -16.30 -6.60
CA PHE A 121 -16.70 -15.51 -6.69
C PHE A 121 -16.17 -15.80 -8.08
N ILE A 122 -16.35 -14.88 -9.00
CA ILE A 122 -16.00 -15.13 -10.42
C ILE A 122 -14.65 -14.48 -10.67
N HIS A 123 -13.63 -15.32 -10.75
CA HIS A 123 -12.20 -14.91 -10.76
C HIS A 123 -11.77 -14.83 -12.21
N ILE A 124 -11.26 -13.68 -12.64
CA ILE A 124 -10.86 -13.56 -14.06
C ILE A 124 -9.36 -13.86 -14.15
N SER A 125 -9.06 -14.80 -15.02
CA SER A 125 -7.68 -15.26 -15.31
C SER A 125 -7.44 -15.18 -16.83
N THR A 126 -6.39 -15.84 -17.33
CA THR A 126 -5.79 -15.50 -18.64
C THR A 126 -5.33 -16.76 -19.36
N SER A 127 -5.45 -16.73 -20.67
CA SER A 127 -4.81 -17.70 -21.58
C SER A 127 -3.29 -17.72 -21.38
N SER A 128 -2.70 -16.65 -20.79
CA SER A 128 -1.25 -16.56 -20.50
C SER A 128 -0.82 -17.68 -19.55
N VAL A 129 -1.70 -18.31 -18.77
CA VAL A 129 -1.29 -19.41 -17.85
C VAL A 129 -0.87 -20.65 -18.66
N TYR A 130 -1.34 -20.79 -19.89
CA TYR A 130 -1.09 -22.03 -20.66
C TYR A 130 0.35 -22.01 -21.15
N GLY A 131 0.87 -20.83 -21.46
CA GLY A 131 2.21 -20.69 -22.03
C GLY A 131 2.15 -21.08 -23.49
N GLU A 132 3.16 -21.81 -23.97
CA GLU A 132 3.33 -22.19 -25.40
C GLU A 132 2.76 -23.60 -25.60
N LYS A 133 1.59 -23.67 -26.24
CA LYS A 133 0.83 -24.90 -26.48
C LYS A 133 0.41 -24.91 -27.94
N SER A 134 0.32 -26.13 -28.46
CA SER A 134 -0.09 -26.49 -29.84
C SER A 134 -1.57 -26.91 -29.82
N GLY A 135 -2.33 -26.55 -30.87
CA GLY A 135 -3.75 -26.88 -31.01
C GLY A 135 -4.62 -25.99 -30.12
N ALA A 136 -5.93 -26.25 -30.07
CA ALA A 136 -6.87 -25.53 -29.19
C ALA A 136 -6.68 -26.05 -27.77
N VAL A 137 -6.45 -25.16 -26.80
CA VAL A 137 -6.15 -25.61 -25.41
C VAL A 137 -7.46 -25.77 -24.64
N SER A 138 -7.57 -26.87 -23.91
CA SER A 138 -8.72 -27.18 -23.04
C SER A 138 -8.29 -26.89 -21.61
N GLU A 139 -9.24 -26.69 -20.72
CA GLU A 139 -9.01 -26.20 -19.32
C GLU A 139 -8.35 -27.27 -18.45
N ASP A 140 -8.30 -28.54 -18.91
CA ASP A 140 -7.68 -29.67 -18.15
C ASP A 140 -6.19 -29.77 -18.48
N LEU A 141 -5.66 -28.91 -19.37
CA LEU A 141 -4.24 -28.97 -19.83
C LEU A 141 -3.28 -28.44 -18.76
N LEU A 142 -2.12 -29.09 -18.56
CA LEU A 142 -1.09 -28.69 -17.57
C LEU A 142 -0.60 -27.28 -17.93
N PRO A 143 -0.84 -26.25 -17.07
CA PRO A 143 -0.43 -24.89 -17.38
C PRO A 143 1.09 -24.73 -17.15
N ILE A 144 1.82 -24.22 -18.14
CA ILE A 144 3.27 -23.85 -18.00
C ILE A 144 3.50 -22.43 -18.53
N PRO A 145 3.28 -21.40 -17.69
CA PRO A 145 3.40 -20.02 -18.15
C PRO A 145 4.78 -19.77 -18.73
N LEU A 146 4.88 -18.82 -19.67
CA LEU A 146 6.15 -18.39 -20.29
C LEU A 146 6.59 -17.03 -19.75
N SER A 147 5.69 -16.27 -19.12
CA SER A 147 5.99 -14.93 -18.57
C SER A 147 5.84 -14.91 -17.05
N PRO A 148 6.59 -14.05 -16.33
CA PRO A 148 6.32 -13.83 -14.90
C PRO A 148 4.87 -13.39 -14.62
N TYR A 149 4.29 -12.55 -15.49
CA TYR A 149 2.85 -12.18 -15.46
C TYR A 149 1.99 -13.43 -15.35
N GLY A 150 2.20 -14.36 -16.30
CA GLY A 150 1.42 -15.61 -16.39
C GLY A 150 1.54 -16.41 -15.10
N VAL A 151 2.74 -16.45 -14.52
CA VAL A 151 3.01 -17.13 -13.23
C VAL A 151 2.12 -16.52 -12.13
N THR A 152 2.09 -15.20 -12.00
CA THR A 152 1.29 -14.48 -10.95
C THR A 152 -0.21 -14.73 -11.14
N LYS A 153 -0.70 -14.78 -12.37
CA LYS A 153 -2.14 -15.05 -12.63
C LYS A 153 -2.44 -16.51 -12.27
N LEU A 154 -1.54 -17.44 -12.61
CA LEU A 154 -1.80 -18.86 -12.28
C LEU A 154 -1.77 -18.98 -10.75
N SER A 155 -0.87 -18.30 -10.05
CA SER A 155 -0.88 -18.32 -8.55
C SER A 155 -2.24 -17.85 -8.04
N GLY A 156 -2.89 -16.87 -8.71
CA GLY A 156 -4.23 -16.39 -8.32
C GLY A 156 -5.27 -17.47 -8.47
N GLU A 157 -5.25 -18.22 -9.57
CA GLU A 157 -6.11 -19.38 -9.81
C GLU A 157 -5.92 -20.38 -8.67
N HIS A 158 -4.68 -20.75 -8.37
CA HIS A 158 -4.39 -21.76 -7.30
C HIS A 158 -4.90 -21.27 -5.94
N LEU A 159 -4.80 -19.99 -5.66
CA LEU A 159 -5.35 -19.43 -4.40
C LEU A 159 -6.87 -19.64 -4.42
N CYS A 160 -7.54 -19.38 -5.54
CA CYS A 160 -9.00 -19.66 -5.71
C CYS A 160 -9.33 -21.12 -5.31
N HIS A 161 -8.62 -22.10 -5.89
CA HIS A 161 -8.79 -23.55 -5.58
C HIS A 161 -8.55 -23.81 -4.09
N VAL A 162 -7.50 -23.21 -3.51
CA VAL A 162 -7.20 -23.41 -2.07
C VAL A 162 -8.42 -22.95 -1.25
N TYR A 163 -8.97 -21.78 -1.55
CA TYR A 163 -10.04 -21.19 -0.70
C TYR A 163 -11.39 -21.86 -0.97
N HIS A 164 -11.64 -22.31 -2.21
CA HIS A 164 -12.84 -23.13 -2.55
C HIS A 164 -12.80 -24.42 -1.72
N LYS A 165 -11.71 -25.19 -1.84
CA LYS A 165 -11.61 -26.55 -1.25
C LYS A 165 -11.64 -26.52 0.28
N ASN A 166 -11.08 -25.50 0.92
CA ASN A 166 -10.91 -25.42 2.39
C ASN A 166 -12.09 -24.71 3.04
N PHE A 167 -12.63 -23.68 2.40
CA PHE A 167 -13.61 -22.75 3.02
C PHE A 167 -14.88 -22.65 2.18
N HIS A 168 -14.97 -23.43 1.10
CA HIS A 168 -16.18 -23.50 0.24
C HIS A 168 -16.50 -22.12 -0.34
N ILE A 169 -15.50 -21.30 -0.60
CA ILE A 169 -15.75 -20.05 -1.38
C ILE A 169 -16.19 -20.49 -2.78
N PRO A 170 -17.35 -20.03 -3.30
CA PRO A 170 -17.90 -20.57 -4.54
C PRO A 170 -17.24 -20.01 -5.81
N ILE A 171 -15.97 -20.39 -6.03
CA ILE A 171 -15.13 -19.81 -7.11
C ILE A 171 -15.54 -20.41 -8.45
N VAL A 172 -15.42 -19.59 -9.49
CA VAL A 172 -15.55 -19.99 -10.91
C VAL A 172 -14.39 -19.24 -11.55
N ILE A 173 -13.58 -19.91 -12.36
CA ILE A 173 -12.46 -19.22 -13.05
C ILE A 173 -12.82 -19.08 -14.53
N LEU A 174 -12.69 -17.87 -15.07
CA LEU A 174 -12.77 -17.59 -16.52
C LEU A 174 -11.38 -17.29 -17.05
N ARG A 175 -10.95 -17.96 -18.11
CA ARG A 175 -9.67 -17.62 -18.78
C ARG A 175 -10.00 -16.93 -20.09
N TYR A 176 -9.71 -15.62 -20.16
CA TYR A 176 -9.92 -14.80 -21.36
C TYR A 176 -8.72 -14.98 -22.30
N PHE A 177 -9.00 -14.79 -23.61
CA PHE A 177 -8.04 -14.84 -24.73
C PHE A 177 -8.01 -13.47 -25.41
N THR A 178 -6.88 -12.77 -25.30
CA THR A 178 -6.60 -11.45 -25.93
C THR A 178 -7.89 -10.71 -26.37
N VAL A 179 -8.45 -9.99 -25.41
CA VAL A 179 -9.71 -9.18 -25.56
C VAL A 179 -9.38 -7.85 -26.21
N TYR A 180 -10.19 -7.42 -27.17
CA TYR A 180 -9.99 -6.17 -27.90
C TYR A 180 -11.34 -5.46 -28.09
N GLY A 181 -11.26 -4.25 -28.63
CA GLY A 181 -12.43 -3.43 -28.94
C GLY A 181 -12.27 -2.05 -28.32
N PRO A 182 -13.39 -1.29 -28.32
CA PRO A 182 -13.42 0.00 -27.63
C PRO A 182 -12.91 -0.17 -26.18
N ARG A 183 -12.11 0.80 -25.76
CA ARG A 183 -11.51 0.97 -24.41
C ARG A 183 -10.37 -0.03 -24.17
N GLN A 184 -9.92 -0.71 -25.24
CA GLN A 184 -8.74 -1.58 -25.10
C GLN A 184 -7.61 -0.76 -24.47
N ARG A 185 -6.84 -1.37 -23.58
CA ARG A 185 -5.67 -0.75 -22.92
C ARG A 185 -4.66 -0.31 -23.96
N PRO A 186 -3.99 0.84 -23.72
CA PRO A 186 -3.02 1.39 -24.70
C PRO A 186 -1.72 0.59 -24.85
N ASP A 187 -1.46 -0.39 -23.98
CA ASP A 187 -0.25 -1.26 -24.14
C ASP A 187 -0.53 -2.45 -25.06
N MET A 188 -1.79 -2.71 -25.44
CA MET A 188 -2.16 -3.91 -26.24
C MET A 188 -1.95 -3.62 -27.73
N ALA A 189 -1.73 -4.67 -28.52
CA ALA A 189 -1.28 -4.58 -29.93
C ALA A 189 -2.28 -3.74 -30.73
N PHE A 190 -3.58 -3.98 -30.65
CA PHE A 190 -4.52 -3.28 -31.58
C PHE A 190 -4.55 -1.78 -31.28
N HIS A 191 -4.53 -1.40 -30.00
CA HIS A 191 -4.52 0.04 -29.63
C HIS A 191 -3.28 0.70 -30.22
N ARG A 192 -2.10 0.13 -29.99
CA ARG A 192 -0.78 0.62 -30.44
C ARG A 192 -0.78 0.72 -31.95
N LEU A 193 -1.21 -0.33 -32.63
CA LEU A 193 -1.07 -0.39 -34.10
C LEU A 193 -2.04 0.61 -34.73
N ILE A 194 -3.25 0.72 -34.19
CA ILE A 194 -4.25 1.70 -34.69
C ILE A 194 -3.73 3.11 -34.43
N LYS A 195 -3.18 3.38 -33.23
CA LYS A 195 -2.69 4.72 -32.89
C LYS A 195 -1.55 5.06 -33.85
N GLN A 196 -0.68 4.10 -34.14
CA GLN A 196 0.49 4.31 -35.04
C GLN A 196 -0.03 4.66 -36.44
N MET A 197 -0.97 3.88 -36.93
CA MET A 197 -1.54 4.03 -38.28
C MET A 197 -2.27 5.39 -38.36
N LEU A 198 -3.06 5.79 -37.37
CA LEU A 198 -3.73 7.13 -37.32
C LEU A 198 -2.70 8.27 -37.44
N GLU A 199 -1.52 8.11 -36.83
CA GLU A 199 -0.46 9.13 -36.75
C GLU A 199 0.53 9.03 -37.91
N ASP A 200 0.36 8.09 -38.84
CA ASP A 200 1.28 7.82 -39.96
C ASP A 200 2.68 7.56 -39.39
N LYS A 201 2.75 6.80 -38.30
CA LYS A 201 4.00 6.36 -37.67
C LYS A 201 4.14 4.88 -37.96
N PRO A 202 5.38 4.35 -37.90
CA PRO A 202 5.63 2.94 -38.15
C PRO A 202 4.85 2.04 -37.19
N LEU A 203 4.28 0.97 -37.72
CA LEU A 203 3.60 -0.07 -36.92
C LEU A 203 4.69 -0.94 -36.28
N THR A 204 4.65 -1.08 -34.94
CA THR A 204 5.65 -1.88 -34.19
C THR A 204 5.21 -3.35 -34.14
N ILE A 205 5.98 -4.22 -34.80
CA ILE A 205 5.74 -5.69 -34.83
C ILE A 205 6.85 -6.38 -34.04
N PHE A 206 6.49 -7.15 -33.02
CA PHE A 206 7.45 -7.94 -32.20
C PHE A 206 7.66 -9.29 -32.91
N GLY A 207 8.89 -9.54 -33.38
CA GLY A 207 9.22 -10.71 -34.20
C GLY A 207 8.78 -10.46 -35.62
N ASP A 208 8.34 -11.49 -36.35
CA ASP A 208 8.01 -11.38 -37.79
C ASP A 208 6.50 -11.16 -38.05
N GLY A 209 5.66 -11.07 -37.02
CA GLY A 209 4.21 -10.79 -37.18
C GLY A 209 3.40 -12.04 -37.45
N THR A 210 4.03 -13.22 -37.55
CA THR A 210 3.27 -14.44 -37.94
C THR A 210 2.68 -15.06 -36.69
N GLN A 211 3.01 -14.52 -35.52
CA GLN A 211 2.35 -15.02 -34.30
C GLN A 211 0.83 -14.82 -34.40
N THR A 212 0.08 -15.70 -33.74
CA THR A 212 -1.40 -15.68 -33.81
C THR A 212 -1.99 -15.61 -32.40
N ARG A 213 -3.17 -15.03 -32.33
CA ARG A 213 -3.96 -15.03 -31.09
C ARG A 213 -5.40 -15.39 -31.43
N ASP A 214 -6.02 -16.05 -30.46
CA ASP A 214 -7.49 -16.19 -30.36
C ASP A 214 -8.04 -14.86 -29.85
N PHE A 215 -8.17 -13.85 -30.69
CA PHE A 215 -8.65 -12.51 -30.26
C PHE A 215 -10.14 -12.58 -29.94
N THR A 216 -10.53 -12.05 -28.79
CA THR A 216 -11.93 -12.10 -28.31
C THR A 216 -12.48 -10.68 -28.33
N TYR A 217 -13.56 -10.45 -29.06
CA TYR A 217 -14.16 -9.09 -29.05
C TYR A 217 -14.80 -8.83 -27.70
N ILE A 218 -14.67 -7.58 -27.22
CA ILE A 218 -15.13 -7.24 -25.84
C ILE A 218 -16.58 -7.71 -25.65
N ASP A 219 -17.51 -7.43 -26.57
CA ASP A 219 -18.94 -7.75 -26.35
C ASP A 219 -19.11 -9.26 -26.19
N ASP A 220 -18.32 -10.06 -26.91
CA ASP A 220 -18.31 -11.54 -26.77
C ASP A 220 -17.80 -11.86 -25.35
N CYS A 221 -16.69 -11.25 -24.95
CA CYS A 221 -16.10 -11.51 -23.61
C CYS A 221 -17.18 -11.26 -22.54
N ILE A 222 -17.82 -10.10 -22.62
CA ILE A 222 -18.82 -9.68 -21.58
C ILE A 222 -20.03 -10.61 -21.59
N ARG A 223 -20.54 -11.00 -22.76
CA ARG A 223 -21.66 -11.97 -22.85
C ARG A 223 -21.27 -13.26 -22.11
N GLY A 224 -20.10 -13.84 -22.39
CA GLY A 224 -19.58 -15.01 -21.64
C GLY A 224 -19.55 -14.76 -20.13
N THR A 225 -19.03 -13.60 -19.73
CA THR A 225 -18.76 -13.27 -18.32
C THR A 225 -20.09 -13.15 -17.57
N VAL A 226 -21.06 -12.45 -18.15
CA VAL A 226 -22.41 -12.28 -17.56
C VAL A 226 -23.10 -13.66 -17.51
N ALA A 227 -22.91 -14.49 -18.54
CA ALA A 227 -23.53 -15.84 -18.55
C ALA A 227 -23.04 -16.66 -17.34
N ALA A 228 -21.80 -16.47 -16.89
CA ALA A 228 -21.24 -17.21 -15.74
C ALA A 228 -21.98 -16.83 -14.47
N LEU A 229 -22.43 -15.59 -14.36
CA LEU A 229 -23.28 -15.17 -13.20
C LEU A 229 -24.68 -15.75 -13.35
N GLU A 230 -25.26 -15.61 -14.53
CA GLU A 230 -26.72 -15.79 -14.72
C GLU A 230 -27.14 -17.25 -14.84
N THR A 231 -26.23 -18.16 -15.12
CA THR A 231 -26.57 -19.61 -15.20
C THR A 231 -27.07 -20.05 -13.82
N LYS A 232 -28.06 -20.95 -13.79
CA LYS A 232 -28.57 -21.55 -12.54
C LYS A 232 -27.89 -22.89 -12.31
N LYS A 233 -27.05 -23.35 -13.25
CA LYS A 233 -26.44 -24.70 -13.15
C LYS A 233 -25.17 -24.56 -12.32
N ASN A 234 -24.78 -25.65 -11.66
CA ASN A 234 -23.60 -25.68 -10.75
C ASN A 234 -22.33 -25.65 -11.61
N ILE A 235 -21.66 -24.48 -11.69
CA ILE A 235 -20.33 -24.34 -12.35
C ILE A 235 -19.25 -24.02 -11.31
N ILE A 236 -19.56 -24.19 -10.02
CA ILE A 236 -18.62 -23.89 -8.90
C ILE A 236 -17.41 -24.83 -9.00
N GLY A 237 -16.21 -24.27 -8.91
CA GLY A 237 -14.94 -25.02 -9.03
C GLY A 237 -14.45 -25.14 -10.46
N GLU A 238 -15.22 -24.70 -11.46
CA GLU A 238 -14.91 -24.87 -12.91
C GLU A 238 -13.94 -23.76 -13.38
N VAL A 239 -13.05 -24.15 -14.28
CA VAL A 239 -12.20 -23.28 -15.12
C VAL A 239 -12.77 -23.26 -16.53
N ILE A 240 -13.09 -22.09 -17.07
CA ILE A 240 -13.79 -21.97 -18.36
C ILE A 240 -13.04 -20.98 -19.25
N ASN A 241 -12.59 -21.47 -20.41
CA ASN A 241 -12.04 -20.65 -21.51
C ASN A 241 -13.13 -19.76 -22.10
N ILE A 242 -12.81 -18.48 -22.29
CA ILE A 242 -13.63 -17.52 -23.06
C ILE A 242 -12.76 -17.02 -24.21
N GLY A 243 -13.07 -17.50 -25.42
CA GLY A 243 -12.30 -17.24 -26.65
C GLY A 243 -13.13 -16.55 -27.72
N GLY A 244 -12.51 -16.23 -28.85
CA GLY A 244 -13.11 -15.33 -29.85
C GLY A 244 -13.57 -16.06 -31.08
N LYS A 245 -14.16 -15.32 -32.01
CA LYS A 245 -14.81 -15.85 -33.22
C LYS A 245 -13.73 -16.28 -34.19
N GLU A 246 -12.61 -15.55 -34.28
CA GLU A 246 -11.65 -15.66 -35.43
C GLU A 246 -10.22 -15.43 -34.94
N GLN A 247 -9.34 -16.41 -35.13
CA GLN A 247 -7.89 -16.24 -34.88
C GLN A 247 -7.29 -15.50 -36.06
N ALA A 248 -6.16 -14.85 -35.84
CA ALA A 248 -5.42 -14.12 -36.89
C ALA A 248 -3.98 -13.92 -36.43
N SER A 249 -3.08 -13.74 -37.38
CA SER A 249 -1.71 -13.28 -37.14
C SER A 249 -1.70 -11.75 -37.05
N ILE A 250 -0.62 -11.18 -36.55
CA ILE A 250 -0.42 -9.71 -36.50
C ILE A 250 -0.31 -9.17 -37.93
N LEU A 251 0.27 -9.93 -38.87
CA LEU A 251 0.29 -9.50 -40.30
C LEU A 251 -1.14 -9.44 -40.85
N ASP A 252 -1.98 -10.42 -40.53
CA ASP A 252 -3.40 -10.51 -40.98
C ASP A 252 -4.14 -9.27 -40.45
N ILE A 253 -3.95 -8.98 -39.16
CA ILE A 253 -4.60 -7.81 -38.51
C ILE A 253 -4.23 -6.51 -39.22
N ILE A 254 -2.94 -6.32 -39.45
CA ILE A 254 -2.41 -5.11 -40.11
C ILE A 254 -3.07 -4.97 -41.49
N SER A 255 -3.17 -6.05 -42.26
CA SER A 255 -3.84 -6.02 -43.60
C SER A 255 -5.28 -5.53 -43.44
N MET A 256 -5.96 -5.99 -42.40
CA MET A 256 -7.38 -5.64 -42.12
C MET A 256 -7.47 -4.16 -41.74
N LEU A 257 -6.53 -3.67 -40.95
CA LEU A 257 -6.47 -2.23 -40.55
C LEU A 257 -6.27 -1.32 -41.79
N GLU A 258 -5.37 -1.73 -42.69
CA GLU A 258 -5.09 -1.00 -43.96
C GLU A 258 -6.38 -0.94 -44.78
N LYS A 259 -7.21 -1.99 -44.79
CA LYS A 259 -8.49 -1.96 -45.55
C LYS A 259 -9.47 -0.95 -44.93
N ILE A 260 -9.48 -0.83 -43.60
CA ILE A 260 -10.34 0.15 -42.87
C ILE A 260 -9.85 1.58 -43.12
N SER A 261 -8.54 1.82 -43.07
CA SER A 261 -7.97 3.18 -43.17
C SER A 261 -7.77 3.60 -44.65
N GLY A 262 -7.64 2.65 -45.57
CA GLY A 262 -7.17 2.88 -46.95
C GLY A 262 -5.73 3.40 -46.97
N LYS A 263 -5.01 3.36 -45.85
CA LYS A 263 -3.58 3.70 -45.82
C LYS A 263 -2.77 2.42 -46.00
N SER A 264 -1.49 2.59 -46.28
CA SER A 264 -0.48 1.50 -46.30
C SER A 264 0.41 1.73 -45.07
N ALA A 265 0.59 0.72 -44.22
CA ALA A 265 1.40 0.83 -43.00
C ALA A 265 2.88 0.78 -43.37
N THR A 266 3.68 1.69 -42.83
CA THR A 266 5.14 1.45 -42.60
C THR A 266 5.25 0.49 -41.42
N LYS A 267 6.03 -0.58 -41.60
CA LYS A 267 6.22 -1.64 -40.59
C LYS A 267 7.64 -1.52 -40.03
N ASN A 268 7.76 -1.59 -38.71
CA ASN A 268 9.05 -1.78 -37.98
C ASN A 268 9.00 -3.14 -37.29
N PHE A 269 9.89 -4.05 -37.67
CA PHE A 269 10.02 -5.40 -37.08
C PHE A 269 11.05 -5.33 -35.96
N LEU A 270 10.59 -5.47 -34.73
CA LEU A 270 11.41 -5.51 -33.50
C LEU A 270 11.79 -6.96 -33.18
N LYS A 271 12.81 -7.14 -32.33
CA LYS A 271 13.12 -8.42 -31.62
C LYS A 271 11.84 -8.97 -31.01
N SER A 272 11.64 -10.28 -31.09
CA SER A 272 10.66 -10.99 -30.23
C SER A 272 10.94 -10.62 -28.78
N VAL A 273 9.90 -10.44 -27.98
CA VAL A 273 10.01 -10.12 -26.53
C VAL A 273 9.96 -11.45 -25.79
N PRO A 274 10.90 -11.73 -24.88
CA PRO A 274 10.83 -12.92 -24.03
C PRO A 274 9.43 -12.99 -23.37
N GLY A 275 8.89 -14.19 -23.20
CA GLY A 275 7.72 -14.44 -22.34
C GLY A 275 6.43 -14.53 -23.13
N GLU A 276 6.49 -14.38 -24.46
CA GLU A 276 5.27 -14.38 -25.32
C GLU A 276 5.23 -15.71 -26.06
N PRO A 277 4.11 -16.48 -26.01
CA PRO A 277 3.91 -17.61 -26.92
C PRO A 277 3.68 -17.14 -28.36
N LYS A 278 3.95 -18.03 -29.30
CA LYS A 278 3.79 -17.73 -30.75
C LYS A 278 2.32 -17.88 -31.15
N GLN A 279 1.54 -18.64 -30.37
CA GLN A 279 0.13 -18.91 -30.73
C GLN A 279 -0.70 -19.01 -29.47
N THR A 280 -1.93 -18.49 -29.51
CA THR A 280 -3.00 -18.89 -28.56
C THR A 280 -4.19 -19.32 -29.40
N TRP A 281 -4.94 -20.23 -28.84
CA TRP A 281 -6.07 -20.92 -29.51
C TRP A 281 -6.90 -21.61 -28.43
N ALA A 282 -8.07 -21.07 -28.14
CA ALA A 282 -8.95 -21.61 -27.08
C ALA A 282 -9.76 -22.77 -27.62
N ASP A 283 -9.87 -23.84 -26.83
CA ASP A 283 -11.03 -24.76 -26.96
C ASP A 283 -12.15 -24.18 -26.09
N ILE A 284 -13.22 -23.71 -26.72
CA ILE A 284 -14.35 -23.07 -26.01
C ILE A 284 -15.55 -24.00 -25.97
N SER A 285 -15.34 -25.32 -26.14
CA SER A 285 -16.41 -26.35 -26.01
C SER A 285 -17.10 -26.27 -24.65
N LYS A 286 -16.31 -26.18 -23.57
CA LYS A 286 -16.84 -26.14 -22.18
C LYS A 286 -17.73 -24.90 -22.00
N ALA A 287 -17.31 -23.72 -22.48
CA ALA A 287 -18.14 -22.49 -22.38
C ALA A 287 -19.43 -22.66 -23.19
N SER A 288 -19.31 -23.19 -24.41
CA SER A 288 -20.45 -23.55 -25.28
C SER A 288 -21.46 -24.40 -24.49
N THR A 289 -20.99 -25.44 -23.81
CA THR A 289 -21.82 -26.42 -23.05
C THR A 289 -22.40 -25.77 -21.77
N LEU A 290 -21.59 -25.07 -20.98
CA LEU A 290 -21.99 -24.65 -19.61
C LEU A 290 -22.70 -23.30 -19.67
N LEU A 291 -22.28 -22.39 -20.55
CA LEU A 291 -22.77 -20.98 -20.53
C LEU A 291 -23.55 -20.65 -21.80
N GLN A 292 -23.74 -21.61 -22.71
CA GLN A 292 -24.31 -21.38 -24.07
C GLN A 292 -23.52 -20.25 -24.75
N TYR A 293 -22.21 -20.20 -24.52
CA TYR A 293 -21.31 -19.17 -25.10
C TYR A 293 -21.03 -19.49 -26.57
N SER A 294 -21.23 -18.50 -27.43
CA SER A 294 -20.78 -18.50 -28.82
C SER A 294 -20.42 -17.08 -29.24
N PRO A 295 -19.12 -16.81 -29.53
CA PRO A 295 -18.71 -15.49 -29.98
C PRO A 295 -19.25 -15.23 -31.39
N THR A 296 -19.81 -14.04 -31.61
CA THR A 296 -20.50 -13.63 -32.87
C THR A 296 -19.86 -12.43 -33.57
N VAL A 297 -18.94 -11.68 -32.95
CA VAL A 297 -18.34 -10.49 -33.62
C VAL A 297 -17.09 -10.91 -34.39
N SER A 298 -17.14 -10.62 -35.69
CA SER A 298 -16.04 -10.87 -36.64
C SER A 298 -14.92 -9.87 -36.35
N LEU A 299 -13.69 -10.22 -36.73
CA LEU A 299 -12.54 -9.28 -36.62
C LEU A 299 -12.78 -8.02 -37.46
N SER A 300 -13.32 -8.12 -38.67
CA SER A 300 -13.53 -6.89 -39.50
C SER A 300 -14.43 -5.91 -38.75
N ASP A 301 -15.55 -6.38 -38.18
CA ASP A 301 -16.49 -5.51 -37.43
C ASP A 301 -15.83 -5.02 -36.13
N GLY A 302 -15.16 -5.91 -35.40
CA GLY A 302 -14.60 -5.55 -34.06
C GLY A 302 -13.49 -4.54 -34.22
N LEU A 303 -12.62 -4.76 -35.20
CA LEU A 303 -11.51 -3.85 -35.54
C LEU A 303 -12.05 -2.48 -35.98
N GLU A 304 -13.12 -2.42 -36.78
CA GLU A 304 -13.68 -1.10 -37.14
C GLU A 304 -14.14 -0.41 -35.86
N ALA A 305 -14.82 -1.13 -34.95
CA ALA A 305 -15.29 -0.56 -33.67
C ALA A 305 -14.08 0.01 -32.93
N GLU A 306 -12.98 -0.74 -32.83
CA GLU A 306 -11.82 -0.24 -32.04
C GLU A 306 -11.20 0.95 -32.77
N TYR A 307 -11.06 0.87 -34.09
CA TYR A 307 -10.43 1.95 -34.89
C TYR A 307 -11.20 3.25 -34.64
N ASP A 308 -12.52 3.17 -34.71
CA ASP A 308 -13.41 4.33 -34.46
C ASP A 308 -13.12 4.85 -33.05
N TYR A 309 -13.09 3.97 -32.06
CA TYR A 309 -12.88 4.36 -30.65
C TYR A 309 -11.53 5.08 -30.50
N ILE A 310 -10.45 4.49 -31.01
CA ILE A 310 -9.08 5.07 -30.93
C ILE A 310 -9.02 6.44 -31.64
N LYS A 311 -9.59 6.53 -32.84
CA LYS A 311 -9.58 7.81 -33.61
C LYS A 311 -10.23 8.92 -32.77
N GLN A 312 -11.41 8.66 -32.19
CA GLN A 312 -12.19 9.63 -31.38
C GLN A 312 -11.46 9.95 -30.07
N LEU A 313 -10.82 8.94 -29.48
CA LEU A 313 -10.02 9.09 -28.23
C LEU A 313 -8.93 10.15 -28.42
N TYR A 314 -8.17 10.09 -29.51
CA TYR A 314 -6.97 10.94 -29.72
C TYR A 314 -7.39 12.11 -30.64
N MET B 1 31.21 11.72 9.51
CA MET B 1 30.11 12.58 9.00
C MET B 1 29.36 13.23 10.17
N LYS B 2 28.61 14.29 9.90
CA LYS B 2 28.11 15.18 10.97
C LYS B 2 26.58 15.22 10.91
N ILE B 3 25.97 14.97 12.06
CA ILE B 3 24.52 14.62 12.15
C ILE B 3 23.89 15.61 13.13
N LEU B 4 22.85 16.32 12.68
CA LEU B 4 22.09 17.22 13.58
C LEU B 4 20.91 16.41 14.10
N VAL B 5 20.70 16.37 15.40
CA VAL B 5 19.55 15.71 16.03
C VAL B 5 18.74 16.78 16.75
N THR B 6 17.53 17.06 16.28
CA THR B 6 16.65 18.01 16.99
C THR B 6 15.90 17.22 18.07
N GLY B 7 15.54 17.89 19.15
CA GLY B 7 14.92 17.28 20.34
C GLY B 7 15.87 16.32 21.05
N ALA B 8 17.16 16.60 21.02
CA ALA B 8 18.27 15.71 21.47
C ALA B 8 18.17 15.42 22.98
N ALA B 9 17.58 16.32 23.76
CA ALA B 9 17.47 16.15 25.23
C ALA B 9 16.25 15.31 25.61
N GLY B 10 15.46 14.91 24.62
CA GLY B 10 14.20 14.20 24.87
C GLY B 10 14.42 12.71 25.03
N PHE B 11 13.34 11.99 25.27
CA PHE B 11 13.37 10.51 25.43
C PHE B 11 14.07 9.83 24.24
N ILE B 12 13.48 9.92 23.03
CA ILE B 12 13.99 9.14 21.88
C ILE B 12 15.25 9.82 21.38
N GLY B 13 15.25 11.16 21.27
CA GLY B 13 16.43 11.91 20.79
C GLY B 13 17.70 11.58 21.57
N SER B 14 17.62 11.51 22.90
CA SER B 14 18.83 11.29 23.74
C SER B 14 19.39 9.88 23.47
N HIS B 15 18.53 8.88 23.37
CA HIS B 15 18.91 7.49 23.01
C HIS B 15 19.48 7.42 21.58
N LEU B 16 18.88 8.16 20.66
CA LEU B 16 19.41 8.25 19.28
C LEU B 16 20.83 8.80 19.29
N CYS B 17 21.06 9.90 19.98
CA CYS B 17 22.38 10.52 20.04
C CYS B 17 23.37 9.52 20.63
N GLN B 18 22.94 8.85 21.69
CA GLN B 18 23.79 7.87 22.38
C GLN B 18 24.26 6.78 21.40
N ALA B 19 23.34 6.26 20.60
CA ALA B 19 23.60 5.20 19.61
C ALA B 19 24.57 5.72 18.55
N LEU B 20 24.37 6.93 18.05
CA LEU B 20 25.22 7.47 16.96
C LEU B 20 26.63 7.71 17.49
N LEU B 21 26.75 8.19 18.73
CA LEU B 21 28.07 8.47 19.34
C LEU B 21 28.88 7.19 19.53
N LYS B 22 28.26 6.01 19.46
CA LYS B 22 28.99 4.72 19.57
C LYS B 22 29.87 4.53 18.34
N ASN B 23 29.54 5.24 17.26
CA ASN B 23 30.28 5.17 15.97
C ASN B 23 31.23 6.36 15.92
N SER B 24 32.52 6.09 16.09
CA SER B 24 33.56 7.13 16.23
C SER B 24 33.64 7.93 14.93
N ALA B 25 33.02 7.46 13.84
CA ALA B 25 33.00 8.21 12.56
C ALA B 25 32.06 9.43 12.67
N TYR B 26 31.08 9.34 13.57
CA TYR B 26 29.92 10.27 13.66
C TYR B 26 30.22 11.40 14.65
N HIS B 27 30.07 12.63 14.18
CA HIS B 27 30.03 13.86 14.99
C HIS B 27 28.55 14.23 15.12
N VAL B 28 28.09 14.50 16.32
CA VAL B 28 26.67 14.71 16.61
C VAL B 28 26.47 16.09 17.19
N VAL B 29 25.52 16.84 16.63
CA VAL B 29 25.06 18.11 17.23
C VAL B 29 23.63 17.89 17.69
N GLY B 30 23.37 18.13 18.97
CA GLY B 30 22.01 18.08 19.55
C GLY B 30 21.50 19.48 19.76
N ILE B 31 20.25 19.76 19.37
CA ILE B 31 19.62 21.04 19.74
C ILE B 31 18.31 20.74 20.47
N ASP B 32 18.09 21.40 21.59
CA ASP B 32 16.86 21.17 22.38
C ASP B 32 16.56 22.42 23.18
N HIS B 33 15.29 22.83 23.22
CA HIS B 33 14.78 24.05 23.86
C HIS B 33 14.20 23.71 25.25
N PHE B 34 14.22 22.45 25.68
CA PHE B 34 13.71 21.99 27.00
C PHE B 34 12.26 22.42 27.21
N ILE B 35 11.38 22.08 26.28
CA ILE B 35 9.92 22.39 26.44
C ILE B 35 9.15 21.07 26.30
N GLY B 36 7.82 21.13 26.25
CA GLY B 36 7.02 19.90 26.19
C GLY B 36 6.77 19.35 27.57
N PRO B 37 6.25 18.11 27.65
CA PRO B 37 5.69 17.61 28.91
C PRO B 37 6.75 17.20 29.94
N THR B 38 7.97 16.86 29.50
CA THR B 38 9.06 16.38 30.40
C THR B 38 9.72 17.55 31.12
N PRO B 39 9.60 17.64 32.48
CA PRO B 39 10.37 18.63 33.23
C PRO B 39 11.89 18.60 32.92
N ALA B 40 12.51 19.78 32.86
CA ALA B 40 13.90 20.02 32.38
C ALA B 40 14.96 19.27 33.19
N THR B 41 14.70 19.03 34.48
CA THR B 41 15.50 18.16 35.40
C THR B 41 15.88 16.83 34.76
N LEU B 42 14.91 16.11 34.17
CA LEU B 42 15.16 14.76 33.58
C LEU B 42 15.94 14.94 32.28
N LYS B 43 15.67 16.01 31.51
CA LYS B 43 16.37 16.25 30.22
C LYS B 43 17.84 16.62 30.49
N THR B 44 18.11 17.35 31.57
CA THR B 44 19.48 17.74 31.97
C THR B 44 20.36 16.49 32.03
N GLY B 45 19.85 15.43 32.67
CA GLY B 45 20.57 14.17 32.83
C GLY B 45 20.81 13.51 31.47
N ASN B 46 19.80 13.57 30.60
CA ASN B 46 19.94 13.13 29.19
C ASN B 46 21.18 13.83 28.58
N ILE B 47 21.24 15.15 28.59
CA ILE B 47 22.34 15.82 27.83
C ILE B 47 23.66 15.60 28.60
N GLN B 48 23.60 15.25 29.89
CA GLN B 48 24.79 15.10 30.77
C GLN B 48 25.56 13.82 30.37
N SER B 49 24.88 12.69 30.18
CA SER B 49 25.55 11.46 29.66
C SER B 49 26.09 11.72 28.25
N LEU B 50 25.33 12.39 27.39
CA LEU B 50 25.76 12.67 25.98
C LEU B 50 27.02 13.55 26.01
N GLU B 51 27.05 14.52 26.92
CA GLU B 51 28.14 15.51 27.00
C GLU B 51 29.44 14.90 27.55
N LEU B 52 29.41 13.68 28.07
CA LEU B 52 30.66 12.93 28.40
C LEU B 52 31.45 12.69 27.11
N ASN B 53 30.79 12.63 25.93
CA ASN B 53 31.46 12.27 24.66
C ASN B 53 31.95 13.56 23.98
N SER B 54 33.26 13.62 23.62
CA SER B 54 33.89 14.76 22.90
C SER B 54 33.28 15.00 21.49
N ARG B 55 32.63 14.00 20.91
CA ARG B 55 32.07 14.13 19.53
C ARG B 55 30.61 14.61 19.59
N PHE B 56 30.12 15.05 20.76
CA PHE B 56 28.78 15.62 20.96
C PHE B 56 28.89 17.13 21.24
N GLN B 57 28.11 17.92 20.50
CA GLN B 57 27.98 19.36 20.74
C GLN B 57 26.50 19.59 21.04
N PHE B 58 26.21 20.28 22.13
CA PHE B 58 24.82 20.56 22.55
C PHE B 58 24.52 22.05 22.39
N ILE B 59 23.41 22.35 21.75
CA ILE B 59 22.89 23.72 21.62
C ILE B 59 21.57 23.79 22.36
N ARG B 60 21.49 24.68 23.35
CA ARG B 60 20.27 24.87 24.16
C ARG B 60 19.57 26.10 23.59
N GLU B 61 18.78 25.92 22.54
CA GLU B 61 18.09 27.03 21.87
C GLU B 61 16.80 26.50 21.25
N ASP B 62 15.79 27.36 21.15
CA ASP B 62 14.61 27.14 20.28
C ASP B 62 15.12 27.08 18.83
N ILE B 63 14.64 26.09 18.06
CA ILE B 63 14.97 26.00 16.61
C ILE B 63 14.47 27.28 15.90
N LEU B 64 13.43 27.93 16.44
CA LEU B 64 12.80 29.15 15.86
C LEU B 64 13.63 30.41 16.21
N ASN B 65 14.65 30.28 17.05
CA ASN B 65 15.54 31.39 17.50
C ASN B 65 17.00 31.07 17.20
N THR B 66 17.24 30.22 16.22
CA THR B 66 18.58 29.70 15.90
C THR B 66 18.95 30.19 14.51
N ASP B 67 20.24 30.47 14.27
CA ASP B 67 20.72 30.78 12.89
C ASP B 67 20.86 29.44 12.17
N LEU B 68 19.81 28.98 11.49
CA LEU B 68 19.78 27.61 10.96
C LEU B 68 20.76 27.49 9.79
N SER B 69 20.99 28.56 9.02
CA SER B 69 21.99 28.57 7.92
C SER B 69 23.36 28.20 8.46
N LYS B 70 23.74 28.85 9.55
CA LYS B 70 25.08 28.72 10.18
C LYS B 70 25.20 27.28 10.70
N LEU B 71 24.17 26.82 11.39
CA LEU B 71 24.16 25.50 12.03
C LEU B 71 24.33 24.41 10.98
N LEU B 72 23.67 24.55 9.82
CA LEU B 72 23.50 23.43 8.86
C LEU B 72 24.67 23.35 7.85
N GLN B 73 25.57 24.33 7.83
CA GLN B 73 26.63 24.42 6.80
C GLN B 73 27.38 23.08 6.72
N ASP B 74 27.76 22.50 7.86
CA ASP B 74 28.63 21.29 7.85
C ASP B 74 27.82 20.06 8.25
N ILE B 75 26.49 20.12 8.16
CA ILE B 75 25.65 18.97 8.57
C ILE B 75 25.42 18.09 7.32
N ASP B 76 25.57 16.77 7.47
CA ASP B 76 25.37 15.76 6.40
C ASP B 76 23.98 15.15 6.52
N VAL B 77 23.52 14.97 7.74
CA VAL B 77 22.20 14.31 8.01
C VAL B 77 21.50 15.05 9.13
N VAL B 78 20.21 15.33 8.94
CA VAL B 78 19.33 15.83 10.02
C VAL B 78 18.39 14.69 10.45
N TYR B 79 18.30 14.44 11.75
CA TYR B 79 17.24 13.67 12.41
C TYR B 79 16.34 14.70 13.10
N HIS B 80 15.08 14.82 12.67
CA HIS B 80 14.20 15.88 13.20
C HIS B 80 13.20 15.22 14.14
N LEU B 81 13.45 15.23 15.43
CA LEU B 81 12.55 14.60 16.43
C LEU B 81 11.88 15.66 17.29
N ALA B 82 12.40 16.88 17.30
CA ALA B 82 11.83 17.93 18.16
C ALA B 82 10.34 18.09 17.85
N ALA B 83 9.50 18.11 18.87
CA ALA B 83 8.04 18.22 18.74
C ALA B 83 7.45 18.36 20.14
N ILE B 84 6.19 18.75 20.21
CA ILE B 84 5.32 18.57 21.39
C ILE B 84 4.54 17.27 21.16
N PRO B 85 4.80 16.20 21.95
CA PRO B 85 4.31 14.85 21.63
C PRO B 85 3.06 14.25 22.30
N GLY B 86 2.47 14.90 23.30
CA GLY B 86 1.38 14.26 24.08
C GLY B 86 0.08 14.16 23.29
N VAL B 87 -0.53 12.96 23.19
CA VAL B 87 -1.79 12.77 22.42
C VAL B 87 -2.94 13.51 23.13
N ARG B 88 -2.95 13.45 24.46
CA ARG B 88 -4.13 13.72 25.30
C ARG B 88 -4.24 15.18 25.69
N THR B 89 -3.19 15.99 25.49
CA THR B 89 -3.13 17.37 26.04
C THR B 89 -3.07 18.39 24.89
N SER B 90 -3.72 18.11 23.75
CA SER B 90 -3.58 18.96 22.54
C SER B 90 -4.88 19.73 22.23
N TRP B 91 -5.80 19.84 23.19
CA TRP B 91 -7.14 20.48 23.02
C TRP B 91 -7.12 21.95 23.45
N GLY B 92 -8.07 22.73 22.92
CA GLY B 92 -8.34 24.08 23.45
C GLY B 92 -7.12 24.98 23.37
N LYS B 93 -6.81 25.68 24.46
CA LYS B 93 -5.65 26.63 24.49
C LYS B 93 -4.29 25.90 24.49
N ASP B 94 -4.27 24.58 24.65
CA ASP B 94 -3.01 23.79 24.65
C ASP B 94 -2.55 23.53 23.22
N PHE B 95 -3.38 23.85 22.23
CA PHE B 95 -3.15 23.44 20.81
C PHE B 95 -1.98 24.25 20.24
N GLN B 96 -1.91 25.54 20.54
CA GLN B 96 -0.99 26.48 19.85
C GLN B 96 0.45 25.96 19.92
N PRO B 97 1.02 25.56 21.08
CA PRO B 97 2.39 25.01 21.11
C PRO B 97 2.66 23.83 20.17
N TYR B 98 1.65 23.00 19.91
CA TYR B 98 1.74 21.90 18.91
C TYR B 98 1.88 22.49 17.50
N VAL B 99 1.12 23.53 17.16
CA VAL B 99 1.21 24.18 15.83
C VAL B 99 2.60 24.81 15.70
N THR B 100 2.99 25.62 16.68
CA THR B 100 4.33 26.28 16.70
C THR B 100 5.43 25.23 16.57
N ASN B 101 5.46 24.22 17.43
CA ASN B 101 6.70 23.40 17.56
C ASN B 101 6.61 22.19 16.62
N ASN B 102 5.43 21.85 16.10
CA ASN B 102 5.30 20.69 15.18
C ASN B 102 5.18 21.15 13.73
N ILE B 103 4.55 22.30 13.50
CA ILE B 103 4.31 22.81 12.13
C ILE B 103 5.33 23.89 11.81
N MET B 104 5.39 25.00 12.57
CA MET B 104 6.29 26.13 12.16
C MET B 104 7.77 25.67 12.25
N VAL B 105 8.13 24.89 13.28
CA VAL B 105 9.52 24.36 13.42
C VAL B 105 9.88 23.55 12.18
N THR B 106 9.02 22.62 11.77
CA THR B 106 9.32 21.73 10.63
C THR B 106 9.52 22.62 9.38
N GLN B 107 8.59 23.55 9.15
CA GLN B 107 8.64 24.39 7.94
C GLN B 107 9.96 25.16 7.92
N GLN B 108 10.34 25.71 9.05
CA GLN B 108 11.51 26.61 9.13
C GLN B 108 12.79 25.77 8.94
N LEU B 109 12.82 24.54 9.43
CA LEU B 109 13.99 23.64 9.24
C LEU B 109 14.13 23.31 7.76
N LEU B 110 13.01 22.91 7.16
CA LEU B 110 12.97 22.54 5.72
C LEU B 110 13.40 23.73 4.87
N GLU B 111 12.92 24.94 5.19
CA GLU B 111 13.30 26.19 4.48
C GLU B 111 14.84 26.32 4.51
N ALA B 112 15.46 26.09 5.67
CA ALA B 112 16.92 26.28 5.87
C ALA B 112 17.66 25.17 5.12
N CYS B 113 17.05 23.99 4.93
CA CYS B 113 17.71 22.83 4.25
C CYS B 113 17.61 22.94 2.73
N LYS B 114 16.86 23.92 2.20
CA LYS B 114 16.68 24.09 0.74
C LYS B 114 18.01 24.13 -0.02
N HIS B 115 19.02 24.82 0.50
CA HIS B 115 20.31 25.04 -0.22
C HIS B 115 21.48 24.40 0.53
N ILE B 116 21.20 23.45 1.40
CA ILE B 116 22.24 22.64 2.10
C ILE B 116 22.43 21.39 1.25
N LYS B 117 23.62 20.79 1.21
CA LYS B 117 23.77 19.53 0.45
C LYS B 117 23.57 18.38 1.44
N LEU B 118 22.34 18.02 1.82
CA LEU B 118 22.15 16.92 2.81
C LEU B 118 22.19 15.58 2.10
N ASP B 119 22.68 14.56 2.78
CA ASP B 119 22.51 13.14 2.41
C ASP B 119 21.05 12.80 2.63
N LYS B 120 20.51 13.20 3.79
CA LYS B 120 19.17 12.77 4.25
C LYS B 120 18.62 13.71 5.31
N PHE B 121 17.33 13.96 5.21
CA PHE B 121 16.54 14.68 6.21
C PHE B 121 15.56 13.66 6.78
N ILE B 122 15.83 13.14 7.98
CA ILE B 122 15.05 11.99 8.50
C ILE B 122 14.07 12.57 9.52
N HIS B 123 12.81 12.64 9.11
CA HIS B 123 11.69 13.31 9.82
C HIS B 123 10.97 12.27 10.67
N ILE B 124 10.92 12.46 11.98
CA ILE B 124 10.23 11.50 12.87
C ILE B 124 8.76 11.91 13.00
N SER B 125 7.88 10.98 12.62
CA SER B 125 6.42 11.11 12.73
C SER B 125 5.87 9.97 13.59
N THR B 126 4.58 9.72 13.49
CA THR B 126 3.87 8.99 14.57
C THR B 126 2.72 8.17 14.00
N SER B 127 2.45 7.05 14.67
CA SER B 127 1.30 6.18 14.35
C SER B 127 0.01 6.98 14.56
N SER B 128 0.08 8.07 15.35
CA SER B 128 -1.06 8.97 15.63
C SER B 128 -1.60 9.58 14.35
N VAL B 129 -0.86 9.61 13.24
CA VAL B 129 -1.41 10.18 11.98
C VAL B 129 -2.53 9.28 11.43
N TYR B 130 -2.53 7.99 11.74
CA TYR B 130 -3.45 7.03 11.07
C TYR B 130 -4.86 7.21 11.62
N GLY B 131 -4.98 7.45 12.93
CA GLY B 131 -6.27 7.47 13.64
C GLY B 131 -6.73 6.06 13.88
N GLU B 132 -8.02 5.75 13.74
CA GLU B 132 -8.56 4.39 14.00
C GLU B 132 -8.60 3.56 12.73
N LYS B 133 -7.85 2.45 12.71
CA LYS B 133 -7.84 1.48 11.60
C LYS B 133 -7.96 0.07 12.15
N SER B 134 -8.55 -0.79 11.33
CA SER B 134 -8.62 -2.26 11.42
C SER B 134 -7.32 -2.85 10.87
N GLY B 135 -6.78 -3.88 11.52
CA GLY B 135 -5.62 -4.61 10.99
C GLY B 135 -4.32 -3.82 11.10
N ALA B 136 -3.21 -4.43 10.71
CA ALA B 136 -1.87 -3.81 10.65
C ALA B 136 -1.88 -2.76 9.56
N VAL B 137 -1.57 -1.50 9.90
CA VAL B 137 -1.65 -0.36 8.95
C VAL B 137 -0.39 -0.28 8.10
N SER B 138 -0.59 -0.14 6.80
CA SER B 138 0.52 0.08 5.86
C SER B 138 0.60 1.58 5.57
N GLU B 139 1.75 2.01 5.06
CA GLU B 139 2.12 3.44 4.98
C GLU B 139 1.36 4.11 3.84
N ASP B 140 0.74 3.36 2.90
CA ASP B 140 -0.07 3.98 1.81
C ASP B 140 -1.55 4.11 2.21
N LEU B 141 -1.91 3.81 3.46
CA LEU B 141 -3.31 3.94 3.94
C LEU B 141 -3.63 5.42 4.17
N LEU B 142 -4.82 5.85 3.76
CA LEU B 142 -5.33 7.22 3.98
C LEU B 142 -5.34 7.52 5.49
N PRO B 143 -4.51 8.46 5.98
CA PRO B 143 -4.48 8.75 7.41
C PRO B 143 -5.57 9.76 7.78
N ILE B 144 -6.28 9.50 8.88
CA ILE B 144 -7.33 10.38 9.45
C ILE B 144 -7.07 10.43 10.95
N PRO B 145 -6.23 11.42 11.37
CA PRO B 145 -5.88 11.57 12.78
C PRO B 145 -7.13 11.76 13.65
N LEU B 146 -7.10 11.23 14.87
CA LEU B 146 -8.16 11.35 15.88
C LEU B 146 -7.90 12.51 16.84
N SER B 147 -6.66 13.00 16.93
CA SER B 147 -6.26 14.06 17.90
C SER B 147 -5.67 15.27 17.19
N PRO B 148 -5.81 16.47 17.76
CA PRO B 148 -5.14 17.67 17.23
C PRO B 148 -3.64 17.45 17.09
N TYR B 149 -3.03 16.77 18.08
CA TYR B 149 -1.61 16.38 18.06
C TYR B 149 -1.32 15.65 16.75
N GLY B 150 -2.12 14.62 16.46
CA GLY B 150 -1.99 13.84 15.23
C GLY B 150 -2.08 14.68 13.96
N VAL B 151 -3.01 15.64 13.94
CA VAL B 151 -3.18 16.60 12.82
C VAL B 151 -1.86 17.35 12.62
N THR B 152 -1.27 17.87 13.70
CA THR B 152 -0.04 18.71 13.58
C THR B 152 1.10 17.84 13.05
N LYS B 153 1.18 16.57 13.45
CA LYS B 153 2.30 15.70 13.02
C LYS B 153 2.08 15.34 11.55
N LEU B 154 0.84 15.14 11.14
CA LEU B 154 0.64 14.75 9.74
C LEU B 154 0.91 16.01 8.89
N SER B 155 0.59 17.19 9.39
CA SER B 155 0.96 18.45 8.69
C SER B 155 2.49 18.51 8.46
N GLY B 156 3.31 18.18 9.46
CA GLY B 156 4.77 18.08 9.27
C GLY B 156 5.18 17.12 8.16
N GLU B 157 4.58 15.94 8.11
CA GLU B 157 4.86 14.98 7.02
C GLU B 157 4.57 15.69 5.69
N HIS B 158 3.43 16.38 5.62
CA HIS B 158 2.98 16.96 4.32
C HIS B 158 3.98 18.02 3.89
N LEU B 159 4.49 18.81 4.83
CA LEU B 159 5.55 19.81 4.57
C LEU B 159 6.78 19.07 4.04
N CYS B 160 7.17 17.91 4.60
CA CYS B 160 8.35 17.16 4.09
C CYS B 160 8.12 16.82 2.60
N HIS B 161 6.95 16.35 2.23
CA HIS B 161 6.62 15.96 0.83
C HIS B 161 6.71 17.20 -0.06
N VAL B 162 6.16 18.30 0.40
CA VAL B 162 6.18 19.57 -0.38
C VAL B 162 7.63 19.96 -0.68
N TYR B 163 8.49 19.97 0.34
CA TYR B 163 9.89 20.48 0.16
C TYR B 163 10.72 19.46 -0.62
N HIS B 164 10.44 18.18 -0.46
CA HIS B 164 11.07 17.10 -1.26
C HIS B 164 10.72 17.33 -2.72
N LYS B 165 9.44 17.49 -3.04
CA LYS B 165 9.02 17.49 -4.47
C LYS B 165 9.54 18.78 -5.12
N ASN B 166 9.48 19.92 -4.42
CA ASN B 166 9.72 21.25 -5.01
C ASN B 166 11.22 21.56 -4.93
N PHE B 167 11.93 21.13 -3.88
CA PHE B 167 13.32 21.59 -3.66
C PHE B 167 14.30 20.43 -3.55
N HIS B 168 13.87 19.19 -3.69
CA HIS B 168 14.77 18.01 -3.73
C HIS B 168 15.46 17.82 -2.38
N ILE B 169 14.86 18.33 -1.30
CA ILE B 169 15.30 17.95 0.08
C ILE B 169 15.11 16.43 0.23
N PRO B 170 16.18 15.68 0.58
CA PRO B 170 16.11 14.22 0.62
C PRO B 170 15.43 13.67 1.89
N ILE B 171 14.11 13.84 1.97
CA ILE B 171 13.33 13.48 3.19
C ILE B 171 13.10 11.97 3.22
N VAL B 172 13.08 11.44 4.43
CA VAL B 172 12.61 10.08 4.79
C VAL B 172 11.72 10.31 6.01
N ILE B 173 10.54 9.68 6.03
CA ILE B 173 9.62 9.84 7.18
C ILE B 173 9.57 8.49 7.90
N LEU B 174 9.79 8.50 9.20
CA LEU B 174 9.65 7.32 10.06
C LEU B 174 8.38 7.55 10.88
N ARG B 175 7.46 6.59 10.88
CA ARG B 175 6.29 6.63 11.78
C ARG B 175 6.56 5.64 12.92
N TYR B 176 6.89 6.18 14.10
CA TYR B 176 7.07 5.36 15.32
C TYR B 176 5.70 4.99 15.92
N PHE B 177 5.69 3.85 16.61
CA PHE B 177 4.56 3.25 17.35
C PHE B 177 4.93 3.16 18.84
N THR B 178 4.21 3.94 19.64
CA THR B 178 4.29 4.03 21.12
C THR B 178 5.59 3.41 21.64
N VAL B 179 6.60 4.23 21.79
CA VAL B 179 7.97 3.80 22.19
C VAL B 179 8.09 3.83 23.71
N TYR B 180 8.76 2.82 24.28
CA TYR B 180 8.92 2.69 25.74
C TYR B 180 10.33 2.19 26.06
N GLY B 181 10.62 2.18 27.36
CA GLY B 181 11.89 1.71 27.93
C GLY B 181 12.45 2.75 28.87
N PRO B 182 13.73 2.60 29.26
CA PRO B 182 14.43 3.60 30.05
C PRO B 182 14.37 4.98 29.37
N ARG B 183 14.12 6.01 30.18
CA ARG B 183 14.06 7.46 29.84
C ARG B 183 12.66 7.76 29.29
N GLN B 184 11.71 6.82 29.29
CA GLN B 184 10.37 7.13 28.71
C GLN B 184 9.80 8.36 29.43
N ARG B 185 9.11 9.22 28.67
CA ARG B 185 8.58 10.50 29.20
C ARG B 185 7.67 10.16 30.36
N PRO B 186 7.62 10.96 31.46
CA PRO B 186 6.70 10.71 32.58
C PRO B 186 5.18 10.79 32.25
N ASP B 187 4.81 11.41 31.13
CA ASP B 187 3.37 11.45 30.72
C ASP B 187 2.93 10.18 30.00
N MET B 188 3.80 9.21 29.74
CA MET B 188 3.39 8.01 28.97
C MET B 188 2.91 6.94 29.94
N ALA B 189 2.11 6.00 29.44
CA ALA B 189 1.35 5.04 30.27
C ALA B 189 2.32 4.18 31.12
N PHE B 190 3.38 3.65 30.52
CA PHE B 190 4.25 2.66 31.22
C PHE B 190 4.97 3.34 32.38
N HIS B 191 5.45 4.56 32.14
CA HIS B 191 6.08 5.38 33.19
C HIS B 191 5.07 5.59 34.34
N ARG B 192 3.87 6.09 34.07
CA ARG B 192 2.86 6.37 35.12
C ARG B 192 2.44 5.08 35.86
N LEU B 193 2.11 4.01 35.13
CA LEU B 193 1.64 2.74 35.74
C LEU B 193 2.77 2.12 36.59
N ILE B 194 4.04 2.18 36.14
CA ILE B 194 5.17 1.57 36.89
C ILE B 194 5.38 2.37 38.16
N LYS B 195 5.42 3.70 38.03
CA LYS B 195 5.58 4.62 39.17
C LYS B 195 4.47 4.33 40.19
N GLN B 196 3.23 4.20 39.69
CA GLN B 196 2.01 3.93 40.51
C GLN B 196 2.22 2.59 41.23
N MET B 197 2.58 1.54 40.49
CA MET B 197 2.72 0.15 41.00
C MET B 197 3.82 0.14 42.07
N LEU B 198 4.96 0.77 41.79
CA LEU B 198 6.11 0.94 42.72
C LEU B 198 5.65 1.56 44.05
N GLU B 199 4.78 2.57 44.01
CA GLU B 199 4.34 3.32 45.22
C GLU B 199 3.03 2.76 45.80
N ASP B 200 2.62 1.55 45.39
CA ASP B 200 1.40 0.85 45.89
C ASP B 200 0.17 1.77 45.76
N LYS B 201 0.08 2.54 44.66
CA LYS B 201 -1.06 3.46 44.38
C LYS B 201 -1.93 2.86 43.28
N PRO B 202 -3.21 3.30 43.15
CA PRO B 202 -4.08 2.87 42.05
C PRO B 202 -3.42 3.11 40.69
N LEU B 203 -3.44 2.11 39.83
CA LEU B 203 -3.00 2.25 38.42
C LEU B 203 -4.14 2.94 37.67
N THR B 204 -3.87 4.11 37.08
CA THR B 204 -4.89 4.94 36.38
C THR B 204 -5.03 4.37 34.95
N ILE B 205 -6.24 3.91 34.61
CA ILE B 205 -6.60 3.35 33.27
C ILE B 205 -7.67 4.24 32.64
N PHE B 206 -7.42 4.75 31.42
CA PHE B 206 -8.30 5.69 30.68
C PHE B 206 -9.24 4.89 29.75
N GLY B 207 -10.37 4.44 30.29
CA GLY B 207 -11.34 3.56 29.62
C GLY B 207 -11.34 2.20 30.30
N ASP B 208 -11.59 1.13 29.54
CA ASP B 208 -11.73 -0.24 30.08
C ASP B 208 -10.37 -0.96 30.07
N GLY B 209 -9.33 -0.37 29.48
CA GLY B 209 -8.00 -1.02 29.47
C GLY B 209 -7.88 -2.03 28.34
N THR B 210 -8.89 -2.14 27.49
CA THR B 210 -8.87 -3.03 26.29
C THR B 210 -8.04 -2.39 25.18
N GLN B 211 -7.78 -1.08 25.25
CA GLN B 211 -6.97 -0.38 24.20
C GLN B 211 -5.65 -1.15 24.05
N THR B 212 -5.18 -1.34 22.83
CA THR B 212 -3.86 -1.98 22.60
C THR B 212 -2.95 -1.02 21.80
N ARG B 213 -1.64 -1.26 21.95
CA ARG B 213 -0.60 -0.54 21.18
C ARG B 213 0.39 -1.53 20.60
N ASP B 214 0.90 -1.20 19.42
CA ASP B 214 2.12 -1.82 18.86
C ASP B 214 3.33 -1.22 19.55
N PHE B 215 3.52 -1.53 20.84
CA PHE B 215 4.57 -0.96 21.70
C PHE B 215 5.95 -1.31 21.13
N THR B 216 6.78 -0.29 20.99
CA THR B 216 8.14 -0.45 20.40
C THR B 216 9.17 -0.15 21.46
N TYR B 217 10.00 -1.15 21.78
CA TYR B 217 11.11 -0.94 22.74
C TYR B 217 12.09 0.06 22.14
N ILE B 218 12.59 0.94 22.99
CA ILE B 218 13.50 2.05 22.59
C ILE B 218 14.66 1.49 21.75
N ASP B 219 15.32 0.39 22.13
CA ASP B 219 16.50 -0.09 21.37
C ASP B 219 16.04 -0.55 19.99
N ASP B 220 14.79 -1.03 19.87
CA ASP B 220 14.30 -1.47 18.55
C ASP B 220 14.05 -0.22 17.70
N CYS B 221 13.33 0.75 18.26
CA CYS B 221 13.12 2.07 17.61
C CYS B 221 14.45 2.62 17.09
N ILE B 222 15.45 2.70 17.95
CA ILE B 222 16.79 3.29 17.60
C ILE B 222 17.49 2.45 16.51
N ARG B 223 17.47 1.12 16.56
CA ARG B 223 18.11 0.32 15.49
C ARG B 223 17.44 0.64 14.14
N GLY B 224 16.12 0.76 14.07
CA GLY B 224 15.42 1.10 12.81
C GLY B 224 15.78 2.52 12.37
N THR B 225 16.01 3.42 13.33
CA THR B 225 16.25 4.87 13.07
C THR B 225 17.66 5.02 12.49
N VAL B 226 18.61 4.26 13.05
CA VAL B 226 20.02 4.24 12.60
C VAL B 226 20.07 3.56 11.24
N ALA B 227 19.29 2.51 11.01
CA ALA B 227 19.17 1.80 9.71
C ALA B 227 18.73 2.78 8.60
N ALA B 228 17.90 3.78 8.94
CA ALA B 228 17.42 4.76 7.94
C ALA B 228 18.62 5.55 7.41
N LEU B 229 19.64 5.79 8.24
CA LEU B 229 20.92 6.45 7.86
C LEU B 229 21.78 5.46 7.06
N GLU B 230 21.90 4.20 7.53
CA GLU B 230 23.02 3.32 7.11
C GLU B 230 22.59 2.37 6.00
N THR B 231 21.30 2.30 5.69
CA THR B 231 20.75 1.27 4.78
C THR B 231 21.43 1.34 3.40
N LYS B 232 21.58 0.20 2.72
CA LYS B 232 22.13 0.12 1.34
C LYS B 232 21.03 0.53 0.35
N LYS B 233 19.76 0.52 0.76
CA LYS B 233 18.61 0.73 -0.17
C LYS B 233 18.30 2.23 -0.27
N ASN B 234 17.74 2.65 -1.39
CA ASN B 234 17.32 4.05 -1.62
C ASN B 234 15.96 4.24 -0.95
N ILE B 235 15.87 5.07 0.08
CA ILE B 235 14.59 5.23 0.85
C ILE B 235 14.13 6.68 0.77
N ILE B 236 14.74 7.50 -0.07
CA ILE B 236 14.37 8.94 -0.21
C ILE B 236 12.93 9.02 -0.69
N GLY B 237 12.10 9.81 -0.01
CA GLY B 237 10.66 9.97 -0.31
C GLY B 237 9.77 8.95 0.36
N GLU B 238 10.31 7.95 1.04
CA GLU B 238 9.50 6.83 1.62
C GLU B 238 8.96 7.27 2.98
N VAL B 239 7.75 6.84 3.29
CA VAL B 239 7.23 6.75 4.70
C VAL B 239 7.46 5.32 5.18
N ILE B 240 7.99 5.12 6.40
CA ILE B 240 8.33 3.77 6.92
C ILE B 240 7.82 3.65 8.35
N ASN B 241 6.93 2.70 8.60
CA ASN B 241 6.48 2.30 9.96
C ASN B 241 7.64 1.65 10.70
N ILE B 242 7.82 2.05 11.96
CA ILE B 242 8.75 1.43 12.94
C ILE B 242 7.89 1.02 14.14
N GLY B 243 7.59 -0.28 14.20
CA GLY B 243 6.68 -0.86 15.21
C GLY B 243 7.43 -1.89 16.03
N GLY B 244 6.73 -2.53 16.96
CA GLY B 244 7.40 -3.29 18.03
C GLY B 244 7.24 -4.80 17.88
N LYS B 245 7.85 -5.56 18.78
CA LYS B 245 7.92 -7.03 18.68
C LYS B 245 6.53 -7.62 18.95
N GLU B 246 5.84 -7.10 19.97
CA GLU B 246 4.57 -7.66 20.51
C GLU B 246 3.56 -6.55 20.79
N GLN B 247 2.33 -6.68 20.28
CA GLN B 247 1.14 -5.86 20.66
C GLN B 247 0.57 -6.35 21.99
N ALA B 248 0.06 -5.44 22.81
CA ALA B 248 -0.61 -5.75 24.10
C ALA B 248 -1.70 -4.71 24.37
N SER B 249 -2.72 -5.05 25.16
CA SER B 249 -3.66 -4.06 25.75
C SER B 249 -3.04 -3.54 27.04
N ILE B 250 -3.61 -2.50 27.65
CA ILE B 250 -3.14 -1.97 28.96
C ILE B 250 -3.33 -3.07 30.05
N LEU B 251 -4.46 -3.78 30.03
CA LEU B 251 -4.68 -4.85 31.04
C LEU B 251 -3.52 -5.85 30.97
N ASP B 252 -3.17 -6.35 29.77
CA ASP B 252 -2.02 -7.27 29.54
C ASP B 252 -0.74 -6.72 30.15
N ILE B 253 -0.41 -5.45 29.84
CA ILE B 253 0.79 -4.80 30.40
C ILE B 253 0.67 -4.80 31.92
N ILE B 254 -0.51 -4.52 32.45
CA ILE B 254 -0.65 -4.48 33.93
C ILE B 254 -0.33 -5.87 34.50
N SER B 255 -0.82 -6.95 33.86
CA SER B 255 -0.52 -8.36 34.25
C SER B 255 0.98 -8.64 34.10
N MET B 256 1.60 -8.17 33.01
CA MET B 256 3.07 -8.39 32.81
C MET B 256 3.83 -7.62 33.89
N LEU B 257 3.34 -6.45 34.31
CA LEU B 257 4.02 -5.64 35.35
C LEU B 257 3.88 -6.34 36.70
N GLU B 258 2.72 -6.93 37.00
CA GLU B 258 2.51 -7.65 38.29
C GLU B 258 3.56 -8.76 38.44
N LYS B 259 3.76 -9.54 37.37
CA LYS B 259 4.78 -10.63 37.27
C LYS B 259 6.17 -10.09 37.63
N ILE B 260 6.52 -8.89 37.17
CA ILE B 260 7.87 -8.30 37.34
C ILE B 260 8.02 -7.78 38.78
N SER B 261 7.01 -7.09 39.29
CA SER B 261 7.03 -6.47 40.65
C SER B 261 6.79 -7.54 41.71
N GLY B 262 6.12 -8.63 41.32
CA GLY B 262 5.51 -9.61 42.24
C GLY B 262 4.37 -9.02 43.06
N LYS B 263 3.81 -7.86 42.66
CA LYS B 263 2.67 -7.18 43.35
C LYS B 263 1.37 -7.48 42.61
N SER B 264 0.22 -7.40 43.30
CA SER B 264 -1.12 -7.32 42.69
C SER B 264 -1.53 -5.85 42.72
N ALA B 265 -1.74 -5.26 41.55
CA ALA B 265 -2.07 -3.83 41.44
C ALA B 265 -3.55 -3.61 41.79
N THR B 266 -3.82 -2.51 42.46
CA THR B 266 -5.17 -1.88 42.52
C THR B 266 -5.39 -1.12 41.23
N LYS B 267 -6.53 -1.33 40.57
CA LYS B 267 -6.87 -0.64 39.30
C LYS B 267 -7.84 0.51 39.58
N ASN B 268 -7.66 1.61 38.83
CA ASN B 268 -8.52 2.80 38.91
C ASN B 268 -8.96 3.15 37.48
N PHE B 269 -10.11 2.64 37.06
CA PHE B 269 -10.61 2.83 35.68
C PHE B 269 -11.28 4.20 35.62
N LEU B 270 -10.76 5.04 34.72
CA LEU B 270 -11.23 6.42 34.51
C LEU B 270 -11.93 6.51 33.17
N LYS B 271 -12.63 7.61 32.97
CA LYS B 271 -13.33 7.90 31.70
C LYS B 271 -12.28 7.83 30.58
N SER B 272 -12.60 7.16 29.49
CA SER B 272 -11.84 7.27 28.23
C SER B 272 -11.75 8.77 27.88
N VAL B 273 -10.64 9.14 27.26
CA VAL B 273 -10.19 10.54 26.95
C VAL B 273 -10.31 10.72 25.45
N PRO B 274 -10.85 11.85 24.95
CA PRO B 274 -10.98 12.06 23.51
C PRO B 274 -9.62 12.02 22.78
N GLY B 275 -9.66 11.62 21.53
CA GLY B 275 -8.54 11.78 20.59
C GLY B 275 -7.61 10.59 20.57
N GLU B 276 -7.95 9.51 21.28
CA GLU B 276 -7.10 8.29 21.39
C GLU B 276 -7.71 7.15 20.59
N PRO B 277 -6.96 6.47 19.69
CA PRO B 277 -7.46 5.23 19.09
C PRO B 277 -7.50 4.07 20.09
N LYS B 278 -8.37 3.10 19.83
CA LYS B 278 -8.50 1.84 20.62
C LYS B 278 -7.39 0.86 20.27
N GLN B 279 -6.86 0.91 19.04
CA GLN B 279 -5.83 -0.03 18.59
C GLN B 279 -4.78 0.74 17.77
N THR B 280 -3.51 0.42 17.96
CA THR B 280 -2.46 0.63 16.94
C THR B 280 -1.75 -0.69 16.64
N TRP B 281 -1.39 -0.84 15.37
CA TRP B 281 -0.85 -2.08 14.79
C TRP B 281 -0.18 -1.75 13.46
N ALA B 282 1.16 -1.83 13.43
CA ALA B 282 2.02 -1.45 12.29
C ALA B 282 2.16 -2.65 11.35
N ASP B 283 2.01 -2.43 10.07
CA ASP B 283 2.57 -3.34 9.06
C ASP B 283 4.04 -2.90 8.89
N ILE B 284 5.00 -3.73 9.31
CA ILE B 284 6.46 -3.40 9.22
C ILE B 284 7.12 -4.14 8.05
N SER B 285 6.34 -4.50 7.04
CA SER B 285 6.79 -5.14 5.77
C SER B 285 7.87 -4.26 5.15
N LYS B 286 7.53 -2.97 5.01
CA LYS B 286 8.36 -1.96 4.32
C LYS B 286 9.68 -1.79 5.08
N ALA B 287 9.64 -1.59 6.39
CA ALA B 287 10.88 -1.46 7.19
C ALA B 287 11.74 -2.72 7.02
N SER B 288 11.11 -3.88 7.00
CA SER B 288 11.82 -5.18 6.82
C SER B 288 12.56 -5.17 5.48
N THR B 289 11.89 -4.75 4.40
CA THR B 289 12.46 -4.68 3.02
C THR B 289 13.58 -3.63 2.96
N LEU B 290 13.31 -2.40 3.41
CA LEU B 290 14.14 -1.21 3.12
C LEU B 290 15.23 -1.03 4.18
N LEU B 291 15.00 -1.45 5.42
CA LEU B 291 15.95 -1.19 6.55
C LEU B 291 16.47 -2.49 7.16
N GLN B 292 16.01 -3.67 6.72
CA GLN B 292 16.29 -4.94 7.44
C GLN B 292 15.81 -4.83 8.89
N TYR B 293 14.74 -4.07 9.13
CA TYR B 293 14.17 -3.87 10.48
C TYR B 293 13.49 -5.15 10.93
N SER B 294 13.92 -5.67 12.07
CA SER B 294 13.18 -6.68 12.87
C SER B 294 13.31 -6.33 14.35
N PRO B 295 12.19 -5.99 15.04
CA PRO B 295 12.24 -5.75 16.48
C PRO B 295 12.53 -7.04 17.23
N THR B 296 13.39 -6.99 18.23
CA THR B 296 13.90 -8.23 18.90
C THR B 296 13.67 -8.18 20.41
N VAL B 297 13.25 -7.05 20.97
CA VAL B 297 13.07 -6.96 22.44
C VAL B 297 11.62 -7.31 22.75
N SER B 298 11.44 -8.34 23.59
CA SER B 298 10.14 -8.80 24.10
C SER B 298 9.62 -7.79 25.13
N LEU B 299 8.29 -7.73 25.30
CA LEU B 299 7.65 -6.85 26.33
C LEU B 299 8.17 -7.21 27.72
N SER B 300 8.32 -8.50 28.06
CA SER B 300 8.79 -8.87 29.41
C SER B 300 10.17 -8.27 29.66
N ASP B 301 11.10 -8.40 28.70
CA ASP B 301 12.48 -7.86 28.88
C ASP B 301 12.41 -6.32 28.92
N GLY B 302 11.63 -5.72 28.02
CA GLY B 302 11.59 -4.25 27.88
C GLY B 302 10.96 -3.59 29.11
N LEU B 303 9.83 -4.13 29.57
CA LEU B 303 9.15 -3.63 30.80
C LEU B 303 10.09 -3.73 31.99
N GLU B 304 10.85 -4.83 32.11
CA GLU B 304 11.83 -5.05 33.19
C GLU B 304 12.87 -3.93 33.21
N ALA B 305 13.46 -3.64 32.04
CA ALA B 305 14.41 -2.53 31.84
C ALA B 305 13.76 -1.20 32.26
N GLU B 306 12.52 -0.95 31.83
CA GLU B 306 11.84 0.32 32.18
C GLU B 306 11.54 0.31 33.70
N TYR B 307 11.08 -0.84 34.23
CA TYR B 307 10.83 -0.99 35.69
C TYR B 307 12.11 -0.58 36.45
N ASP B 308 13.28 -1.16 36.09
CA ASP B 308 14.55 -0.90 36.80
C ASP B 308 14.87 0.58 36.70
N TYR B 309 14.70 1.18 35.53
CA TYR B 309 14.97 2.62 35.34
C TYR B 309 14.05 3.45 36.25
N ILE B 310 12.73 3.17 36.27
CA ILE B 310 11.76 4.01 37.04
C ILE B 310 12.13 3.89 38.53
N LYS B 311 12.35 2.65 38.98
CA LYS B 311 12.82 2.32 40.36
C LYS B 311 14.01 3.22 40.71
N GLN B 312 15.03 3.26 39.84
CA GLN B 312 16.26 4.09 40.00
C GLN B 312 15.94 5.58 39.98
N LEU B 313 15.02 6.02 39.10
CA LEU B 313 14.72 7.46 38.88
C LEU B 313 14.12 8.10 40.15
N TYR B 314 13.32 7.36 40.92
CA TYR B 314 12.55 7.91 42.07
C TYR B 314 13.15 7.39 43.38
#